data_3IQ1
#
_entry.id   3IQ1
#
_cell.length_a   93.816
_cell.length_b   93.816
_cell.length_c   225.561
_cell.angle_alpha   90.00
_cell.angle_beta   90.00
_cell.angle_gamma   120.00
#
_symmetry.space_group_name_H-M   'H 3'
#
loop_
_entity.id
_entity.type
_entity.pdbx_description
1 polymer 'DPS family protein'
2 non-polymer 'CHLORIDE ION'
3 water water
#
_entity_poly.entity_id   1
_entity_poly.type   'polypeptide(L)'
_entity_poly.pdbx_seq_one_letter_code
;SNA(MSE)ATNLIGLDTTQSQKLANALNNLLANYQVFY(MSE)NTRGYHWNIQGKEFFELHAKFEEIYTDLQLKIDELAE
RILTLSARP(MSE)HSFSGYLKAAQIKEHTDSIDGRSS(MSE)QGLVDGFSILLHQQRDILELAGETGDEGTSAL(MSE)
SDYIREQEKLVW(MSE)LNAWLK
;
_entity_poly.pdbx_strand_id   A,B,C,D
#
# COMPACT_ATOMS: atom_id res chain seq x y z
N ALA A 5 -5.64 -42.43 -25.58
CA ALA A 5 -6.90 -42.02 -26.15
C ALA A 5 -7.30 -40.52 -25.95
N THR A 6 -6.50 -39.77 -25.24
CA THR A 6 -6.86 -38.37 -24.90
C THR A 6 -5.69 -37.48 -25.17
N ASN A 7 -5.94 -36.18 -25.12
CA ASN A 7 -4.87 -35.19 -25.31
C ASN A 7 -4.08 -35.03 -23.97
N LEU A 8 -3.17 -34.06 -23.95
CA LEU A 8 -2.28 -33.90 -22.83
C LEU A 8 -3.02 -33.71 -21.52
N ILE A 9 -4.10 -32.95 -21.55
CA ILE A 9 -4.87 -32.69 -20.32
C ILE A 9 -5.95 -33.72 -20.02
N GLY A 10 -6.05 -34.79 -20.81
CA GLY A 10 -6.96 -35.90 -20.48
C GLY A 10 -8.34 -35.79 -21.06
N LEU A 11 -8.50 -34.91 -22.04
CA LEU A 11 -9.77 -34.79 -22.74
C LEU A 11 -9.73 -35.46 -24.14
N ASP A 12 -10.91 -35.71 -24.70
CA ASP A 12 -11.03 -36.28 -26.04
C ASP A 12 -10.42 -35.32 -27.06
N THR A 13 -9.56 -35.85 -27.93
CA THR A 13 -8.89 -35.02 -28.92
C THR A 13 -9.84 -34.40 -29.95
N THR A 14 -10.71 -35.20 -30.55
CA THR A 14 -11.63 -34.68 -31.54
C THR A 14 -12.54 -33.61 -30.97
N GLN A 15 -13.08 -33.87 -29.77
CA GLN A 15 -13.96 -32.91 -29.10
CA GLN A 15 -13.96 -32.88 -29.18
C GLN A 15 -13.21 -31.64 -28.75
N SER A 16 -11.97 -31.81 -28.30
CA SER A 16 -11.16 -30.66 -27.96
C SER A 16 -10.80 -29.79 -29.17
N GLN A 17 -10.52 -30.43 -30.29
CA GLN A 17 -10.25 -29.68 -31.51
C GLN A 17 -11.51 -28.91 -31.96
N LYS A 18 -12.68 -29.50 -31.79
CA LYS A 18 -13.93 -28.84 -32.19
C LYS A 18 -14.14 -27.62 -31.30
N LEU A 19 -13.97 -27.79 -30.00
CA LEU A 19 -14.07 -26.66 -29.06
C LEU A 19 -13.00 -25.60 -29.35
N ALA A 20 -11.78 -26.04 -29.66
CA ALA A 20 -10.73 -25.06 -29.94
C ALA A 20 -11.05 -24.21 -31.17
N ASN A 21 -11.64 -24.82 -32.20
CA ASN A 21 -12.06 -24.11 -33.38
C ASN A 21 -13.09 -23.03 -33.05
N ALA A 22 -14.08 -23.37 -32.22
CA ALA A 22 -15.12 -22.43 -31.83
C ALA A 22 -14.50 -21.32 -30.99
N LEU A 23 -13.58 -21.67 -30.12
CA LEU A 23 -12.94 -20.68 -29.28
C LEU A 23 -12.11 -19.71 -30.12
N ASN A 24 -11.48 -20.23 -31.17
CA ASN A 24 -10.72 -19.38 -32.08
C ASN A 24 -11.64 -18.42 -32.79
N ASN A 25 -12.83 -18.88 -33.25
CA ASN A 25 -13.76 -17.93 -33.84
C ASN A 25 -14.19 -16.87 -32.84
N LEU A 26 -14.36 -17.30 -31.60
CA LEU A 26 -14.68 -16.33 -30.52
C LEU A 26 -13.57 -15.29 -30.36
N LEU A 27 -12.31 -15.76 -30.29
CA LEU A 27 -11.14 -14.92 -30.20
C LEU A 27 -11.09 -13.88 -31.32
N ALA A 28 -11.46 -14.27 -32.54
CA ALA A 28 -11.43 -13.35 -33.68
C ALA A 28 -12.42 -12.23 -33.42
N ASN A 29 -13.58 -12.62 -32.89
CA ASN A 29 -14.60 -11.61 -32.59
C ASN A 29 -14.13 -10.69 -31.49
N TYR A 30 -13.55 -11.24 -30.41
CA TYR A 30 -13.03 -10.38 -29.36
C TYR A 30 -12.00 -9.39 -29.89
N GLN A 31 -11.14 -9.84 -30.78
CA GLN A 31 -10.03 -9.00 -31.24
C GLN A 31 -10.56 -7.82 -32.07
N VAL A 32 -11.51 -8.08 -32.98
CA VAL A 32 -12.12 -6.99 -33.77
C VAL A 32 -12.90 -6.06 -32.85
N PHE A 33 -13.61 -6.62 -31.88
CA PHE A 33 -14.35 -5.83 -30.92
C PHE A 33 -13.48 -4.96 -30.04
N TYR A 34 -12.37 -5.49 -29.57
CA TYR A 34 -11.41 -4.73 -28.81
C TYR A 34 -10.93 -3.54 -29.65
N ASN A 36 -12.37 -2.04 -32.13
CA ASN A 36 -13.45 -1.11 -32.27
C ASN A 36 -13.59 -0.26 -30.98
N THR A 37 -13.40 -0.91 -29.84
CA THR A 37 -13.60 -0.22 -28.56
C THR A 37 -12.43 0.73 -28.30
N ARG A 38 -11.22 0.39 -28.73
CA ARG A 38 -10.09 1.35 -28.71
C ARG A 38 -10.42 2.58 -29.51
N GLY A 39 -10.99 2.38 -30.69
CA GLY A 39 -11.42 3.49 -31.48
C GLY A 39 -12.49 4.34 -30.80
N TYR A 40 -13.45 3.70 -30.15
CA TYR A 40 -14.47 4.45 -29.41
C TYR A 40 -13.82 5.36 -28.36
N HIS A 41 -12.83 4.82 -27.65
CA HIS A 41 -12.06 5.54 -26.63
C HIS A 41 -11.35 6.72 -27.21
N TRP A 42 -10.64 6.50 -28.31
CA TRP A 42 -9.88 7.58 -28.94
C TRP A 42 -10.76 8.67 -29.54
N ASN A 43 -11.86 8.29 -30.20
CA ASN A 43 -12.58 9.21 -31.07
C ASN A 43 -13.81 9.90 -30.52
N ILE A 44 -14.19 9.56 -29.30
CA ILE A 44 -15.34 10.19 -28.66
C ILE A 44 -15.16 11.72 -28.58
N GLN A 45 -16.25 12.44 -28.84
CA GLN A 45 -16.31 13.90 -28.73
C GLN A 45 -17.59 14.28 -27.99
N GLY A 46 -17.62 15.49 -27.50
CA GLY A 46 -18.80 15.97 -26.83
C GLY A 46 -18.70 15.91 -25.33
N LYS A 47 -19.79 16.30 -24.67
CA LYS A 47 -19.75 16.47 -23.20
C LYS A 47 -19.62 15.17 -22.47
N GLU A 48 -19.82 14.06 -23.19
CA GLU A 48 -19.52 12.74 -22.61
C GLU A 48 -18.05 12.34 -22.71
N PHE A 49 -17.17 13.24 -23.22
CA PHE A 49 -15.79 12.89 -23.43
C PHE A 49 -15.10 12.20 -22.23
N PHE A 50 -15.06 12.83 -21.07
CA PHE A 50 -14.26 12.28 -19.97
C PHE A 50 -14.84 10.97 -19.47
N GLU A 51 -16.15 10.96 -19.33
CA GLU A 51 -16.78 9.78 -18.79
CA GLU A 51 -16.88 9.78 -18.82
C GLU A 51 -16.64 8.58 -19.71
N LEU A 52 -16.90 8.79 -20.98
CA LEU A 52 -16.81 7.69 -21.94
C LEU A 52 -15.37 7.36 -22.34
N HIS A 53 -14.45 8.33 -22.39
CA HIS A 53 -13.06 8.01 -22.66
C HIS A 53 -12.62 7.01 -21.56
N ALA A 54 -13.03 7.27 -20.31
CA ALA A 54 -12.67 6.39 -19.21
C ALA A 54 -13.40 5.05 -19.29
N LYS A 55 -14.71 5.09 -19.56
CA LYS A 55 -15.54 3.88 -19.56
C LYS A 55 -15.11 2.92 -20.69
N PHE A 56 -14.81 3.47 -21.86
CA PHE A 56 -14.35 2.66 -22.97
C PHE A 56 -13.00 1.99 -22.64
N GLU A 57 -12.12 2.70 -21.94
CA GLU A 57 -10.87 2.13 -21.54
C GLU A 57 -11.11 0.95 -20.56
N GLU A 58 -12.00 1.16 -19.59
CA GLU A 58 -12.32 0.08 -18.66
C GLU A 58 -12.80 -1.18 -19.42
N ILE A 59 -13.65 -0.96 -20.42
CA ILE A 59 -14.28 -2.04 -21.18
C ILE A 59 -13.21 -2.74 -22.01
N TYR A 60 -12.33 -2.00 -22.72
CA TYR A 60 -11.32 -2.68 -23.54
C TYR A 60 -10.24 -3.35 -22.68
N THR A 61 -9.98 -2.81 -21.50
CA THR A 61 -9.03 -3.41 -20.59
C THR A 61 -9.51 -4.84 -20.19
N ASP A 62 -10.78 -4.93 -19.84
CA ASP A 62 -11.40 -6.20 -19.48
C ASP A 62 -11.40 -7.15 -20.70
N LEU A 63 -11.72 -6.62 -21.89
CA LEU A 63 -11.63 -7.48 -23.10
C LEU A 63 -10.24 -8.03 -23.31
N GLN A 64 -9.21 -7.22 -23.06
CA GLN A 64 -7.83 -7.68 -23.27
C GLN A 64 -7.50 -8.86 -22.37
N LEU A 65 -7.97 -8.80 -21.14
CA LEU A 65 -7.77 -9.89 -20.20
C LEU A 65 -8.40 -11.17 -20.72
N LYS A 66 -9.60 -11.05 -21.28
CA LYS A 66 -10.34 -12.20 -21.82
C LYS A 66 -9.64 -12.76 -23.03
N ILE A 67 -9.12 -11.89 -23.87
CA ILE A 67 -8.36 -12.31 -25.04
C ILE A 67 -7.17 -13.23 -24.62
N ASP A 68 -6.44 -12.78 -23.59
CA ASP A 68 -5.28 -13.52 -23.11
C ASP A 68 -5.74 -14.92 -22.64
N GLU A 69 -6.79 -14.92 -21.84
CA GLU A 69 -7.32 -16.20 -21.30
C GLU A 69 -7.84 -17.11 -22.38
N LEU A 70 -8.47 -16.53 -23.39
CA LEU A 70 -8.99 -17.35 -24.50
C LEU A 70 -7.87 -18.02 -25.26
N ALA A 71 -6.83 -17.25 -25.60
CA ALA A 71 -5.74 -17.79 -26.33
C ALA A 71 -5.11 -18.93 -25.53
N GLU A 72 -5.02 -18.73 -24.22
CA GLU A 72 -4.39 -19.71 -23.35
C GLU A 72 -5.24 -20.94 -23.22
N ARG A 73 -6.55 -20.79 -23.26
CA ARG A 73 -7.44 -21.97 -23.22
C ARG A 73 -7.28 -22.78 -24.49
N ILE A 74 -7.14 -22.09 -25.65
CA ILE A 74 -6.91 -22.77 -26.91
C ILE A 74 -5.62 -23.60 -26.86
N LEU A 75 -4.55 -22.98 -26.36
CA LEU A 75 -3.27 -23.62 -26.17
C LEU A 75 -3.38 -24.82 -25.21
N THR A 76 -4.19 -24.66 -24.20
CA THR A 76 -4.40 -25.68 -23.17
C THR A 76 -5.07 -26.90 -23.77
N LEU A 77 -5.90 -26.67 -24.81
CA LEU A 77 -6.58 -27.76 -25.54
C LEU A 77 -5.69 -28.34 -26.65
N SER A 78 -4.41 -28.00 -26.65
CA SER A 78 -3.44 -28.45 -27.65
C SER A 78 -3.78 -27.94 -29.04
N ALA A 79 -4.27 -26.71 -29.14
CA ALA A 79 -4.57 -26.15 -30.44
C ALA A 79 -3.82 -24.84 -30.60
N ARG A 80 -3.87 -24.29 -31.81
CA ARG A 80 -3.15 -23.07 -32.17
C ARG A 80 -4.10 -21.87 -32.11
N PRO A 81 -3.82 -20.91 -31.25
CA PRO A 81 -4.64 -19.72 -31.24
C PRO A 81 -4.32 -18.86 -32.46
N HIS A 83 -3.47 -15.63 -34.31
CA HIS A 83 -2.58 -14.59 -33.78
C HIS A 83 -2.08 -13.63 -34.87
N SER A 84 -2.96 -13.34 -35.81
CA SER A 84 -2.69 -12.29 -36.82
C SER A 84 -4.00 -11.54 -37.10
N PHE A 85 -3.86 -10.23 -37.33
CA PHE A 85 -4.97 -9.41 -37.81
C PHE A 85 -5.66 -10.00 -39.05
N SER A 86 -4.88 -10.50 -40.01
CA SER A 86 -5.48 -11.03 -41.21
C SER A 86 -6.31 -12.27 -40.91
N GLY A 87 -5.84 -13.14 -40.02
CA GLY A 87 -6.66 -14.26 -39.58
C GLY A 87 -7.93 -13.86 -38.89
N TYR A 88 -7.81 -12.91 -37.97
CA TYR A 88 -9.00 -12.43 -37.29
C TYR A 88 -10.05 -11.84 -38.22
N LEU A 89 -9.61 -11.05 -39.19
CA LEU A 89 -10.55 -10.39 -40.11
C LEU A 89 -11.28 -11.43 -40.95
N LYS A 90 -10.61 -12.50 -41.31
CA LYS A 90 -11.27 -13.58 -42.05
C LYS A 90 -12.33 -14.31 -41.26
N ALA A 91 -12.08 -14.50 -39.95
CA ALA A 91 -12.94 -15.30 -39.08
C ALA A 91 -14.06 -14.53 -38.37
N ALA A 92 -13.88 -13.24 -38.12
CA ALA A 92 -14.80 -12.49 -37.27
C ALA A 92 -16.16 -12.26 -37.94
N GLN A 93 -17.19 -12.27 -37.13
CA GLN A 93 -18.51 -11.82 -37.49
C GLN A 93 -18.71 -10.33 -37.16
N ILE A 94 -18.17 -9.91 -36.03
CA ILE A 94 -18.22 -8.48 -35.66
C ILE A 94 -17.44 -7.74 -36.73
N LYS A 95 -18.05 -6.69 -37.26
CA LYS A 95 -17.45 -5.89 -38.32
C LYS A 95 -16.54 -4.82 -37.75
N GLU A 96 -15.55 -4.40 -38.54
CA GLU A 96 -14.75 -3.20 -38.15
C GLU A 96 -15.67 -1.98 -38.09
N HIS A 97 -15.61 -1.23 -36.99
CA HIS A 97 -16.42 -0.04 -36.82
C HIS A 97 -15.51 1.13 -36.61
N THR A 98 -15.46 2.01 -37.62
CA THR A 98 -14.54 3.17 -37.58
C THR A 98 -15.34 4.44 -37.53
N ASP A 99 -14.68 5.50 -37.04
CA ASP A 99 -15.17 6.85 -37.01
C ASP A 99 -16.50 6.99 -36.29
N SER A 100 -16.61 6.25 -35.19
CA SER A 100 -17.73 6.46 -34.26
C SER A 100 -17.27 7.50 -33.21
N ILE A 101 -17.87 8.69 -33.26
CA ILE A 101 -17.42 9.82 -32.44
C ILE A 101 -18.48 10.26 -31.44
N ASP A 102 -19.64 9.60 -31.49
CA ASP A 102 -20.81 9.96 -30.69
C ASP A 102 -21.04 8.87 -29.64
N GLY A 103 -21.31 9.28 -28.39
CA GLY A 103 -21.57 8.33 -27.31
C GLY A 103 -22.60 7.23 -27.66
N ARG A 104 -23.75 7.62 -28.18
CA ARG A 104 -24.78 6.61 -28.45
C ARG A 104 -24.34 5.60 -29.51
N SER A 105 -23.70 6.07 -30.58
CA SER A 105 -23.24 5.18 -31.63
C SER A 105 -22.25 4.13 -31.11
N SER A 106 -21.33 4.60 -30.29
CA SER A 106 -20.29 3.72 -29.75
C SER A 106 -20.91 2.76 -28.73
N GLN A 108 -24.02 1.75 -28.53
CA GLN A 108 -24.86 0.79 -29.27
C GLN A 108 -23.98 -0.29 -29.92
N GLY A 109 -22.84 0.16 -30.45
CA GLY A 109 -21.86 -0.74 -31.01
C GLY A 109 -21.44 -1.79 -29.99
N LEU A 110 -21.15 -1.36 -28.77
CA LEU A 110 -20.82 -2.29 -27.70
C LEU A 110 -21.98 -3.27 -27.40
N VAL A 111 -23.21 -2.78 -27.31
CA VAL A 111 -24.35 -3.65 -27.08
C VAL A 111 -24.45 -4.72 -28.14
N ASP A 112 -24.32 -4.32 -29.39
CA ASP A 112 -24.47 -5.25 -30.48
C ASP A 112 -23.34 -6.30 -30.52
N GLY A 113 -22.12 -5.86 -30.21
CA GLY A 113 -20.97 -6.75 -30.19
C GLY A 113 -21.08 -7.75 -29.05
N PHE A 114 -21.46 -7.27 -27.88
CA PHE A 114 -21.62 -8.20 -26.75
C PHE A 114 -22.71 -9.21 -27.01
N SER A 115 -23.72 -8.82 -27.80
N SER A 115 -23.73 -8.83 -27.74
CA SER A 115 -24.81 -9.73 -28.19
CA SER A 115 -24.79 -9.77 -27.96
C SER A 115 -24.23 -10.96 -28.84
C SER A 115 -24.27 -10.95 -28.84
N ILE A 116 -23.32 -10.69 -29.76
CA ILE A 116 -22.59 -11.76 -30.50
C ILE A 116 -21.69 -12.57 -29.60
N LEU A 117 -20.88 -11.92 -28.78
CA LEU A 117 -20.03 -12.68 -27.82
C LEU A 117 -20.91 -13.58 -26.94
N LEU A 118 -21.97 -13.04 -26.35
CA LEU A 118 -22.83 -13.84 -25.47
C LEU A 118 -23.42 -15.06 -26.23
N HIS A 119 -23.98 -14.85 -27.42
CA HIS A 119 -24.52 -15.94 -28.23
C HIS A 119 -23.47 -17.04 -28.46
N GLN A 120 -22.27 -16.64 -28.86
CA GLN A 120 -21.21 -17.60 -29.18
CA GLN A 120 -21.23 -17.62 -29.21
C GLN A 120 -20.76 -18.32 -27.96
N GLN A 121 -20.65 -17.58 -26.85
CA GLN A 121 -20.22 -18.15 -25.58
C GLN A 121 -21.23 -19.18 -25.09
N ARG A 122 -22.51 -18.90 -25.23
CA ARG A 122 -23.55 -19.84 -24.80
C ARG A 122 -23.45 -21.13 -25.65
N ASP A 123 -23.22 -21.01 -26.94
CA ASP A 123 -23.08 -22.20 -27.80
C ASP A 123 -21.89 -23.06 -27.37
N ILE A 124 -20.77 -22.40 -27.06
CA ILE A 124 -19.55 -23.09 -26.63
C ILE A 124 -19.80 -23.77 -25.29
N LEU A 125 -20.47 -23.05 -24.40
CA LEU A 125 -20.81 -23.63 -23.09
C LEU A 125 -21.63 -24.90 -23.25
N GLU A 126 -22.60 -24.87 -24.17
CA GLU A 126 -23.43 -26.02 -24.36
C GLU A 126 -22.63 -27.19 -24.87
N LEU A 127 -21.79 -26.94 -25.86
CA LEU A 127 -20.98 -28.03 -26.40
C LEU A 127 -20.00 -28.58 -25.38
N ALA A 128 -19.34 -27.69 -24.63
CA ALA A 128 -18.40 -28.14 -23.61
C ALA A 128 -19.10 -28.98 -22.56
N GLY A 129 -20.31 -28.59 -22.17
CA GLY A 129 -21.07 -29.35 -21.21
C GLY A 129 -21.41 -30.74 -21.71
N GLU A 130 -21.75 -30.81 -22.99
CA GLU A 130 -22.11 -32.07 -23.63
C GLU A 130 -20.97 -33.08 -23.59
N THR A 131 -19.74 -32.57 -23.67
CA THR A 131 -18.57 -33.41 -23.83
C THR A 131 -17.75 -33.54 -22.52
N GLY A 132 -18.18 -32.86 -21.46
CA GLY A 132 -17.52 -32.86 -20.17
C GLY A 132 -16.25 -32.00 -20.06
N ASP A 133 -16.12 -31.02 -20.94
CA ASP A 133 -14.98 -30.13 -20.87
C ASP A 133 -15.33 -29.03 -19.85
N GLU A 134 -15.11 -29.33 -18.57
CA GLU A 134 -15.46 -28.41 -17.52
C GLU A 134 -14.63 -27.12 -17.51
N GLY A 135 -13.36 -27.24 -17.86
CA GLY A 135 -12.48 -26.06 -17.89
C GLY A 135 -12.95 -25.03 -18.88
N THR A 136 -13.39 -25.47 -20.05
CA THR A 136 -13.94 -24.54 -21.06
C THR A 136 -15.30 -24.01 -20.62
N SER A 137 -16.17 -24.89 -20.08
CA SER A 137 -17.47 -24.51 -19.54
CA SER A 137 -17.47 -24.49 -19.59
C SER A 137 -17.32 -23.40 -18.55
N ALA A 138 -16.40 -23.58 -17.61
CA ALA A 138 -16.20 -22.61 -16.51
C ALA A 138 -15.78 -21.25 -17.03
N LEU A 139 -14.93 -21.24 -18.04
CA LEU A 139 -14.51 -19.96 -18.67
C LEU A 139 -15.70 -19.28 -19.29
N SER A 141 -18.84 -19.65 -18.59
CA SER A 141 -19.74 -19.26 -17.53
C SER A 141 -19.33 -17.89 -16.96
N ASP A 142 -18.04 -17.74 -16.65
CA ASP A 142 -17.53 -16.47 -16.13
C ASP A 142 -17.80 -15.33 -17.16
N TYR A 143 -17.48 -15.58 -18.41
CA TYR A 143 -17.60 -14.50 -19.42
C TYR A 143 -19.08 -14.11 -19.53
N ILE A 144 -19.97 -15.11 -19.61
CA ILE A 144 -21.39 -14.83 -19.79
C ILE A 144 -21.92 -14.02 -18.63
N ARG A 145 -21.64 -14.45 -17.42
CA ARG A 145 -22.22 -13.75 -16.27
C ARG A 145 -21.74 -12.29 -16.20
N GLU A 146 -20.47 -12.04 -16.53
CA GLU A 146 -19.93 -10.71 -16.50
C GLU A 146 -20.53 -9.81 -17.56
N GLN A 147 -20.66 -10.38 -18.76
CA GLN A 147 -21.11 -9.61 -19.90
C GLN A 147 -22.58 -9.38 -19.91
N GLU A 148 -23.36 -10.31 -19.37
CA GLU A 148 -24.77 -10.07 -19.12
C GLU A 148 -24.98 -8.85 -18.25
N LYS A 149 -24.21 -8.75 -17.16
CA LYS A 149 -24.27 -7.60 -16.30
C LYS A 149 -23.95 -6.30 -17.08
N LEU A 150 -22.87 -6.35 -17.84
CA LEU A 150 -22.46 -5.19 -18.62
C LEU A 150 -23.51 -4.76 -19.63
N VAL A 151 -24.14 -5.74 -20.29
CA VAL A 151 -25.19 -5.42 -21.24
C VAL A 151 -26.36 -4.72 -20.58
N TRP A 152 -26.71 -5.11 -19.35
CA TRP A 152 -27.74 -4.38 -18.61
C TRP A 152 -27.33 -2.92 -18.43
N LEU A 154 -25.04 -1.04 -20.09
CA LEU A 154 -24.92 -0.30 -21.34
C LEU A 154 -26.32 0.11 -21.82
N ASN A 155 -27.26 -0.83 -21.76
CA ASN A 155 -28.63 -0.57 -22.18
C ASN A 155 -29.30 0.44 -21.25
N ALA A 156 -28.95 0.45 -19.95
CA ALA A 156 -29.56 1.41 -19.02
C ALA A 156 -29.14 2.82 -19.42
N TRP A 157 -27.86 2.97 -19.76
CA TRP A 157 -27.33 4.24 -20.21
C TRP A 157 -28.06 4.74 -21.46
N LEU A 158 -28.39 3.80 -22.35
CA LEU A 158 -29.03 4.12 -23.62
C LEU A 158 -30.52 4.44 -23.52
N LYS A 159 -31.13 4.19 -22.36
CA LYS A 159 -32.56 4.40 -22.22
C LYS A 159 -32.88 5.86 -22.30
N SER B 1 1.31 -23.00 43.96
CA SER B 1 2.00 -24.00 43.12
C SER B 1 3.25 -24.45 43.88
N ASN B 2 3.57 -25.73 43.77
CA ASN B 2 4.81 -26.25 44.35
C ASN B 2 5.99 -25.74 43.56
N ALA B 3 7.10 -25.51 44.23
CA ALA B 3 8.33 -25.22 43.54
C ALA B 3 8.74 -26.40 42.68
N ALA B 5 11.94 -27.90 39.82
CA ALA B 5 13.37 -27.75 39.49
C ALA B 5 13.59 -26.98 38.19
N THR B 6 12.67 -27.21 37.25
CA THR B 6 12.70 -26.52 35.93
C THR B 6 11.40 -25.83 35.70
N ASN B 7 11.46 -24.77 34.92
CA ASN B 7 10.28 -23.94 34.65
C ASN B 7 9.58 -24.44 33.38
N LEU B 8 8.51 -23.76 33.00
CA LEU B 8 7.66 -24.20 31.88
C LEU B 8 8.44 -24.31 30.57
N ILE B 9 9.43 -23.45 30.38
CA ILE B 9 10.20 -23.48 29.14
C ILE B 9 11.39 -24.46 29.23
N GLY B 10 11.53 -25.16 30.36
CA GLY B 10 12.54 -26.18 30.50
C GLY B 10 13.91 -25.74 31.01
N LEU B 11 14.01 -24.49 31.46
CA LEU B 11 15.24 -23.95 32.06
C LEU B 11 15.25 -24.16 33.56
N ASP B 12 16.44 -24.17 34.15
CA ASP B 12 16.56 -24.28 35.61
C ASP B 12 15.79 -23.14 36.29
N THR B 13 14.99 -23.49 37.28
CA THR B 13 14.17 -22.48 37.94
C THR B 13 14.99 -21.41 38.68
N THR B 14 15.96 -21.82 39.48
CA THR B 14 16.75 -20.88 40.26
C THR B 14 17.52 -19.92 39.40
N GLN B 15 18.14 -20.45 38.37
CA GLN B 15 18.94 -19.60 37.49
C GLN B 15 18.05 -18.66 36.71
N SER B 16 16.86 -19.13 36.34
CA SER B 16 15.94 -18.32 35.59
C SER B 16 15.41 -17.17 36.47
N GLN B 17 15.17 -17.47 37.76
CA GLN B 17 14.70 -16.42 38.64
C GLN B 17 15.79 -15.36 38.88
N LYS B 18 17.06 -15.75 38.95
CA LYS B 18 18.14 -14.78 39.08
CA LYS B 18 18.14 -14.78 39.09
C LYS B 18 18.18 -13.88 37.86
N LEU B 19 18.09 -14.50 36.68
CA LEU B 19 18.03 -13.73 35.43
C LEU B 19 16.85 -12.80 35.37
N ALA B 20 15.72 -13.27 35.85
CA ALA B 20 14.48 -12.45 35.81
C ALA B 20 14.62 -11.27 36.74
N ASN B 21 15.22 -11.48 37.90
CA ASN B 21 15.50 -10.37 38.83
C ASN B 21 16.35 -9.25 38.17
N ALA B 22 17.38 -9.66 37.45
CA ALA B 22 18.26 -8.70 36.77
C ALA B 22 17.53 -8.01 35.61
N LEU B 23 16.72 -8.79 34.88
CA LEU B 23 15.89 -8.25 33.84
C LEU B 23 14.86 -7.21 34.37
N ASN B 24 14.30 -7.48 35.53
CA ASN B 24 13.37 -6.57 36.14
C ASN B 24 14.07 -5.30 36.54
N ASN B 25 15.31 -5.36 37.02
CA ASN B 25 16.04 -4.10 37.32
C ASN B 25 16.32 -3.33 36.04
N LEU B 26 16.60 -4.06 34.97
CA LEU B 26 16.77 -3.42 33.67
C LEU B 26 15.49 -2.72 33.23
N LEU B 27 14.37 -3.40 33.34
CA LEU B 27 13.04 -2.87 32.99
C LEU B 27 12.76 -1.59 33.75
N ALA B 28 13.09 -1.55 35.03
CA ALA B 28 12.96 -0.32 35.83
C ALA B 28 13.73 0.85 35.26
N ASN B 29 14.98 0.58 34.86
CA ASN B 29 15.77 1.60 34.22
C ASN B 29 15.15 2.04 32.91
N TYR B 30 14.70 1.10 32.08
CA TYR B 30 14.02 1.48 30.85
C TYR B 30 12.85 2.39 31.06
N GLN B 31 12.07 2.12 32.08
CA GLN B 31 10.80 2.79 32.29
C GLN B 31 11.08 4.25 32.70
N VAL B 32 12.00 4.45 33.67
CA VAL B 32 12.40 5.80 34.04
C VAL B 32 13.03 6.55 32.87
N PHE B 33 13.84 5.86 32.09
CA PHE B 33 14.49 6.49 30.95
C PHE B 33 13.46 6.89 29.87
N TYR B 34 12.50 5.99 29.60
CA TYR B 34 11.45 6.30 28.67
C TYR B 34 10.72 7.58 29.08
N ASN B 36 11.81 9.99 31.04
CA ASN B 36 12.69 11.14 30.80
C ASN B 36 12.69 11.59 29.35
N THR B 37 12.71 10.63 28.42
CA THR B 37 12.74 10.88 26.99
C THR B 37 11.42 11.49 26.51
N ARG B 38 10.28 11.07 27.09
CA ARG B 38 9.03 11.70 26.80
C ARG B 38 9.11 13.18 27.20
N GLY B 39 9.67 13.46 28.39
CA GLY B 39 9.88 14.83 28.83
C GLY B 39 10.76 15.60 27.84
N TYR B 40 11.83 14.98 27.39
CA TYR B 40 12.72 15.66 26.46
C TYR B 40 11.97 16.10 25.19
N HIS B 41 11.13 15.20 24.67
CA HIS B 41 10.23 15.45 23.53
C HIS B 41 9.31 16.61 23.78
N TRP B 42 8.58 16.57 24.88
CA TRP B 42 7.62 17.62 25.20
C TRP B 42 8.24 18.96 25.42
N ASN B 43 9.39 19.00 26.10
CA ASN B 43 9.92 20.26 26.65
C ASN B 43 11.03 20.98 25.88
N ILE B 44 11.50 20.38 24.82
CA ILE B 44 12.51 21.02 23.97
C ILE B 44 12.05 22.39 23.44
N GLN B 45 12.95 23.34 23.46
CA GLN B 45 12.75 24.69 22.95
C GLN B 45 13.96 25.09 22.14
N GLY B 46 13.76 26.11 21.32
CA GLY B 46 14.81 26.68 20.52
C GLY B 46 14.83 26.10 19.11
N LYS B 47 15.86 26.46 18.35
CA LYS B 47 15.86 26.15 16.92
C LYS B 47 16.00 24.68 16.58
N GLU B 48 16.31 23.86 17.58
CA GLU B 48 16.33 22.41 17.39
CA GLU B 48 16.36 22.42 17.47
C GLU B 48 14.98 21.80 17.57
N PHE B 49 13.95 22.61 17.83
CA PHE B 49 12.65 22.10 18.16
C PHE B 49 12.10 20.99 17.26
N PHE B 50 11.99 21.23 15.97
CA PHE B 50 11.37 20.27 15.11
C PHE B 50 12.20 19.01 15.00
N GLU B 51 13.50 19.20 14.84
CA GLU B 51 14.43 18.11 14.67
C GLU B 51 14.42 17.16 15.86
N LEU B 52 14.56 17.74 17.04
CA LEU B 52 14.65 16.93 18.26
C LEU B 52 13.31 16.48 18.80
N HIS B 53 12.24 17.25 18.57
CA HIS B 53 10.88 16.79 18.92
C HIS B 53 10.67 15.47 18.19
N ALA B 54 11.08 15.42 16.93
CA ALA B 54 10.93 14.21 16.13
C ALA B 54 11.94 13.11 16.55
N LYS B 55 13.20 13.49 16.80
CA LYS B 55 14.22 12.50 17.21
C LYS B 55 13.90 11.82 18.53
N PHE B 56 13.48 12.62 19.51
CA PHE B 56 13.14 12.09 20.83
C PHE B 56 11.97 11.13 20.72
N GLU B 57 10.97 11.46 19.89
CA GLU B 57 9.87 10.53 19.64
C GLU B 57 10.35 9.20 19.02
N GLU B 58 11.24 9.27 18.05
CA GLU B 58 11.82 8.06 17.48
C GLU B 58 12.46 7.21 18.58
N ILE B 59 13.21 7.87 19.43
CA ILE B 59 13.97 7.20 20.48
C ILE B 59 13.03 6.56 21.52
N TYR B 60 12.05 7.31 22.03
CA TYR B 60 11.13 6.69 22.99
C TYR B 60 10.20 5.61 22.42
N THR B 61 9.90 5.68 21.13
CA THR B 61 9.12 4.67 20.43
C THR B 61 9.89 3.35 20.42
N ASP B 62 11.18 3.42 20.11
CA ASP B 62 12.07 2.25 20.09
C ASP B 62 12.23 1.71 21.54
N LEU B 63 12.34 2.60 22.54
CA LEU B 63 12.41 2.13 23.95
C LEU B 63 11.16 1.37 24.36
N GLN B 64 10.00 1.84 23.87
CA GLN B 64 8.72 1.25 24.23
C GLN B 64 8.66 -0.17 23.67
N LEU B 65 9.15 -0.36 22.45
CA LEU B 65 9.23 -1.70 21.86
C LEU B 65 10.04 -2.63 22.78
N LYS B 66 11.16 -2.12 23.28
CA LYS B 66 12.08 -2.91 24.11
C LYS B 66 11.49 -3.22 25.44
N ILE B 67 10.76 -2.27 26.03
CA ILE B 67 10.07 -2.46 27.28
C ILE B 67 9.07 -3.61 27.18
N ASP B 68 8.34 -3.61 26.06
CA ASP B 68 7.32 -4.66 25.79
C ASP B 68 8.01 -6.05 25.76
N GLU B 69 9.10 -6.13 25.00
CA GLU B 69 9.83 -7.38 24.79
C GLU B 69 10.51 -7.87 26.08
N LEU B 70 10.97 -6.92 26.87
CA LEU B 70 11.59 -7.25 28.13
C LEU B 70 10.62 -7.79 29.17
N ALA B 71 9.46 -7.15 29.34
CA ALA B 71 8.45 -7.67 30.22
C ALA B 71 8.00 -9.07 29.78
N GLU B 72 7.86 -9.28 28.48
CA GLU B 72 7.47 -10.61 27.92
C GLU B 72 8.57 -11.65 28.20
N ARG B 73 9.83 -11.27 28.13
CA ARG B 73 10.93 -12.22 28.45
C ARG B 73 10.85 -12.64 29.93
N ILE B 74 10.58 -11.69 30.82
CA ILE B 74 10.41 -11.98 32.25
C ILE B 74 9.26 -12.96 32.46
N LEU B 75 8.15 -12.71 31.79
CA LEU B 75 6.99 -13.63 31.87
C LEU B 75 7.38 -15.03 31.31
N THR B 76 8.19 -15.04 30.27
CA THR B 76 8.61 -16.23 29.58
C THR B 76 9.46 -17.10 30.50
N LEU B 77 10.18 -16.46 31.41
CA LEU B 77 10.99 -17.10 32.44
C LEU B 77 10.17 -17.48 33.68
N SER B 78 8.84 -17.37 33.58
CA SER B 78 7.89 -17.66 34.71
C SER B 78 8.17 -16.78 35.90
N ALA B 79 8.44 -15.52 35.63
CA ALA B 79 8.64 -14.54 36.66
C ALA B 79 7.66 -13.38 36.47
N ARG B 80 7.57 -12.51 37.49
CA ARG B 80 6.66 -11.39 37.50
C ARG B 80 7.33 -10.09 37.02
N PRO B 81 6.86 -9.50 35.92
CA PRO B 81 7.46 -8.21 35.57
C PRO B 81 6.97 -7.10 36.49
N HIS B 83 5.48 -3.76 37.35
CA HIS B 83 4.42 -3.11 36.60
C HIS B 83 3.76 -1.99 37.39
N SER B 84 4.58 -1.26 38.14
CA SER B 84 4.12 -0.03 38.80
C SER B 84 5.23 1.01 38.83
N PHE B 85 4.81 2.26 38.73
CA PHE B 85 5.72 3.43 38.87
C PHE B 85 6.46 3.33 40.19
N SER B 86 5.77 2.99 41.29
CA SER B 86 6.45 2.92 42.60
CA SER B 86 6.46 2.96 42.59
C SER B 86 7.56 1.90 42.58
N GLY B 87 7.26 0.74 41.99
CA GLY B 87 8.24 -0.34 41.89
C GLY B 87 9.46 0.09 41.07
N TYR B 88 9.22 0.71 39.93
CA TYR B 88 10.30 1.18 39.09
C TYR B 88 11.15 2.24 39.78
N LEU B 89 10.55 3.18 40.50
CA LEU B 89 11.33 4.19 41.19
C LEU B 89 12.21 3.61 42.31
N LYS B 90 11.74 2.56 42.96
CA LYS B 90 12.54 1.87 43.97
C LYS B 90 13.74 1.17 43.38
N ALA B 91 13.59 0.60 42.21
CA ALA B 91 14.63 -0.27 41.59
C ALA B 91 15.60 0.43 40.65
N ALA B 92 15.20 1.55 40.04
CA ALA B 92 16.01 2.15 38.97
C ALA B 92 17.27 2.84 39.47
N GLN B 93 18.33 2.75 38.69
CA GLN B 93 19.54 3.53 38.85
C GLN B 93 19.43 4.85 38.08
N ILE B 94 18.84 4.80 36.90
CA ILE B 94 18.64 6.04 36.14
C ILE B 94 17.70 6.97 36.95
N LYS B 95 18.09 8.23 37.11
CA LYS B 95 17.30 9.18 37.87
C LYS B 95 16.22 9.85 37.02
N GLU B 96 15.16 10.28 37.67
CA GLU B 96 14.18 11.16 36.99
C GLU B 96 14.86 12.47 36.59
N HIS B 97 14.70 12.87 35.33
CA HIS B 97 15.33 14.06 34.77
C HIS B 97 14.19 14.90 34.27
N THR B 98 13.94 16.00 34.94
CA THR B 98 12.80 16.86 34.60
C THR B 98 13.30 18.25 34.20
N ASP B 99 12.47 18.94 33.42
CA ASP B 99 12.75 20.30 32.96
C ASP B 99 14.02 20.48 32.17
N SER B 100 14.30 19.47 31.35
CA SER B 100 15.36 19.55 30.37
C SER B 100 14.74 20.13 29.09
N ILE B 101 15.14 21.37 28.79
CA ILE B 101 14.53 22.13 27.69
C ILE B 101 15.51 22.44 26.56
N ASP B 102 16.78 22.06 26.74
CA ASP B 102 17.76 22.35 25.73
C ASP B 102 18.32 21.06 25.12
N GLY B 103 18.57 21.10 23.82
CA GLY B 103 19.06 19.97 23.11
C GLY B 103 20.24 19.26 23.74
N ARG B 104 21.29 20.01 24.11
CA ARG B 104 22.47 19.36 24.62
C ARG B 104 22.20 18.64 25.95
N SER B 105 21.46 19.27 26.89
CA SER B 105 21.18 18.56 28.16
C SER B 105 20.39 17.27 27.93
N SER B 106 19.43 17.32 27.04
CA SER B 106 18.59 16.15 26.76
C SER B 106 19.38 15.07 26.08
N GLN B 108 22.68 14.67 26.10
CA GLN B 108 23.63 14.10 27.09
C GLN B 108 22.95 13.13 28.06
N GLY B 109 21.73 13.48 28.45
CA GLY B 109 20.88 12.60 29.30
C GLY B 109 20.71 11.24 28.65
N LEU B 110 20.47 11.27 27.37
CA LEU B 110 20.29 10.03 26.61
C LEU B 110 21.58 9.25 26.61
N VAL B 111 22.70 9.90 26.30
CA VAL B 111 23.98 9.19 26.28
C VAL B 111 24.22 8.51 27.63
N ASP B 112 24.03 9.26 28.71
CA ASP B 112 24.35 8.73 30.03
C ASP B 112 23.42 7.57 30.41
N GLY B 113 22.15 7.68 30.06
CA GLY B 113 21.14 6.64 30.33
C GLY B 113 21.46 5.38 29.53
N PHE B 114 21.75 5.53 28.25
CA PHE B 114 22.12 4.38 27.42
C PHE B 114 23.39 3.72 27.92
N SER B 115 24.30 4.51 28.50
CA SER B 115 25.47 3.89 29.00
C SER B 115 25.18 2.89 30.15
N ILE B 116 24.22 3.20 31.01
CA ILE B 116 23.69 2.31 32.06
C ILE B 116 22.97 1.09 31.46
N LEU B 117 22.08 1.30 30.50
CA LEU B 117 21.42 0.17 29.86
C LEU B 117 22.46 -0.78 29.26
N LEU B 118 23.43 -0.24 28.53
CA LEU B 118 24.41 -1.12 27.89
C LEU B 118 25.18 -1.92 28.91
N HIS B 119 25.62 -1.26 29.98
CA HIS B 119 26.41 -1.90 31.02
C HIS B 119 25.58 -3.04 31.63
N GLN B 120 24.33 -2.77 31.95
CA GLN B 120 23.46 -3.79 32.59
C GLN B 120 23.14 -4.93 31.64
N GLN B 121 22.93 -4.59 30.36
CA GLN B 121 22.66 -5.62 29.34
C GLN B 121 23.86 -6.52 29.11
N ARG B 122 25.10 -6.00 29.15
CA ARG B 122 26.27 -6.82 29.04
C ARG B 122 26.43 -7.79 30.24
N ASP B 123 26.09 -7.29 31.42
CA ASP B 123 26.13 -8.15 32.60
C ASP B 123 25.13 -9.29 32.51
N ILE B 124 23.90 -8.96 32.08
CA ILE B 124 22.89 -9.98 31.89
C ILE B 124 23.30 -10.97 30.82
N LEU B 125 23.83 -10.46 29.69
CA LEU B 125 24.33 -11.34 28.64
C LEU B 125 25.35 -12.34 29.18
N GLU B 126 26.28 -11.85 29.98
CA GLU B 126 27.32 -12.72 30.52
C GLU B 126 26.70 -13.80 31.43
N LEU B 127 25.78 -13.39 32.30
CA LEU B 127 25.15 -14.33 33.25
C LEU B 127 24.37 -15.39 32.46
N ALA B 128 23.61 -14.94 31.46
CA ALA B 128 22.79 -15.84 30.68
C ALA B 128 23.69 -16.86 29.95
N GLY B 129 24.83 -16.41 29.48
CA GLY B 129 25.78 -17.31 28.80
C GLY B 129 26.33 -18.41 29.69
N GLU B 130 26.54 -18.08 30.95
CA GLU B 130 27.06 -18.98 31.96
C GLU B 130 26.14 -20.14 32.18
N THR B 131 24.82 -19.97 31.98
CA THR B 131 23.91 -21.08 32.17
C THR B 131 23.21 -21.57 30.92
N GLY B 132 23.57 -21.03 29.78
CA GLY B 132 22.97 -21.42 28.53
C GLY B 132 21.57 -20.91 28.29
N ASP B 133 21.21 -19.77 28.88
CA ASP B 133 19.93 -19.15 28.59
C ASP B 133 20.08 -18.33 27.26
N GLU B 134 19.94 -19.04 26.15
CA GLU B 134 20.14 -18.46 24.83
C GLU B 134 19.04 -17.45 24.48
N GLY B 135 17.80 -17.72 24.88
CA GLY B 135 16.75 -16.75 24.61
C GLY B 135 16.96 -15.38 25.24
N THR B 136 17.47 -15.37 26.47
CA THR B 136 17.81 -14.13 27.15
C THR B 136 19.03 -13.52 26.54
N SER B 137 20.05 -14.35 26.25
CA SER B 137 21.26 -13.86 25.60
CA SER B 137 21.28 -13.85 25.63
C SER B 137 20.97 -13.13 24.32
N ALA B 138 20.13 -13.74 23.49
CA ALA B 138 19.82 -13.24 22.17
C ALA B 138 19.16 -11.89 22.29
N LEU B 139 18.27 -11.72 23.26
CA LEU B 139 17.61 -10.43 23.47
C LEU B 139 18.62 -9.35 23.84
N SER B 141 21.76 -9.31 23.16
CA SER B 141 22.58 -9.08 22.00
C SER B 141 21.96 -8.05 21.06
N ASP B 142 20.68 -8.25 20.80
CA ASP B 142 19.93 -7.32 19.97
C ASP B 142 19.98 -5.92 20.58
N TYR B 143 19.70 -5.79 21.87
CA TYR B 143 19.65 -4.50 22.50
C TYR B 143 20.99 -3.79 22.49
N ILE B 144 22.06 -4.54 22.77
CA ILE B 144 23.41 -3.99 22.82
C ILE B 144 23.81 -3.48 21.45
N ARG B 145 23.57 -4.26 20.41
CA ARG B 145 24.10 -3.85 19.12
C ARG B 145 23.38 -2.58 18.63
N GLU B 146 22.07 -2.51 18.89
CA GLU B 146 21.28 -1.38 18.46
C GLU B 146 21.69 -0.12 19.23
N GLN B 147 21.93 -0.29 20.52
CA GLN B 147 22.13 0.87 21.38
C GLN B 147 23.54 1.36 21.28
N GLU B 148 24.48 0.50 20.96
CA GLU B 148 25.85 0.94 20.65
C GLU B 148 25.83 1.89 19.44
N LYS B 149 25.09 1.52 18.40
CA LYS B 149 24.96 2.33 17.20
C LYS B 149 24.38 3.69 17.59
N LEU B 150 23.32 3.67 18.40
CA LEU B 150 22.66 4.91 18.77
C LEU B 150 23.59 5.79 19.56
N VAL B 151 24.33 5.17 20.48
CA VAL B 151 25.28 5.95 21.28
C VAL B 151 26.33 6.64 20.38
N TRP B 152 26.83 5.96 19.36
CA TRP B 152 27.68 6.60 18.36
C TRP B 152 27.03 7.85 17.76
N LEU B 154 24.38 9.75 18.85
CA LEU B 154 24.12 10.78 19.83
C LEU B 154 25.42 11.54 20.12
N ASN B 155 26.49 10.80 20.37
CA ASN B 155 27.83 11.43 20.63
C ASN B 155 28.34 12.23 19.42
N ALA B 156 28.02 11.77 18.22
CA ALA B 156 28.40 12.50 16.99
C ALA B 156 27.71 13.87 17.00
N TRP B 157 26.42 13.90 17.33
CA TRP B 157 25.64 15.14 17.36
C TRP B 157 26.24 16.11 18.37
N LEU B 158 26.72 15.55 19.48
CA LEU B 158 27.25 16.37 20.58
C LEU B 158 28.66 16.88 20.37
N LYS B 159 29.33 16.42 19.34
CA LYS B 159 30.73 16.84 19.08
C LYS B 159 30.85 18.29 18.63
N ALA C 3 2.61 42.40 30.61
CA ALA C 3 1.88 43.55 30.01
C ALA C 3 0.53 43.18 29.40
N ALA C 5 -2.96 40.31 29.62
CA ALA C 5 -3.67 39.37 30.44
C ALA C 5 -3.81 38.06 29.68
N THR C 6 -3.33 38.03 28.45
CA THR C 6 -3.48 36.87 27.57
C THR C 6 -2.13 36.25 27.23
N ASN C 7 -2.17 34.99 26.78
CA ASN C 7 -0.98 34.19 26.60
C ASN C 7 -0.65 34.12 25.10
N LEU C 8 0.37 33.36 24.78
CA LEU C 8 0.84 33.26 23.44
CA LEU C 8 0.85 33.25 23.41
C LEU C 8 -0.23 32.97 22.39
N ILE C 9 -1.16 32.09 22.73
CA ILE C 9 -2.22 31.71 21.80
C ILE C 9 -3.46 32.60 21.87
N GLY C 10 -3.45 33.61 22.73
CA GLY C 10 -4.48 34.61 22.75
C GLY C 10 -5.58 34.38 23.77
N LEU C 11 -5.42 33.41 24.65
CA LEU C 11 -6.45 33.12 25.65
C LEU C 11 -6.08 33.82 26.97
N ASP C 12 -7.06 33.95 27.86
CA ASP C 12 -6.77 34.54 29.17
C ASP C 12 -5.73 33.70 29.91
N THR C 13 -4.70 34.35 30.45
CA THR C 13 -3.60 33.61 31.09
C THR C 13 -4.11 32.91 32.37
N THR C 14 -4.89 33.62 33.20
CA THR C 14 -5.36 33.00 34.45
C THR C 14 -6.21 31.78 34.20
N GLN C 15 -7.18 31.89 33.29
CA GLN C 15 -8.05 30.76 32.99
C GLN C 15 -7.27 29.64 32.34
N SER C 16 -6.31 30.00 31.51
CA SER C 16 -5.47 28.98 30.88
C SER C 16 -4.62 28.20 31.87
N GLN C 17 -4.08 28.89 32.88
CA GLN C 17 -3.34 28.20 33.94
C GLN C 17 -4.25 27.30 34.78
N LYS C 18 -5.49 27.73 35.03
CA LYS C 18 -6.46 26.93 35.80
CA LYS C 18 -6.43 26.92 35.80
C LYS C 18 -6.79 25.66 35.02
N LEU C 19 -7.04 25.82 33.73
CA LEU C 19 -7.32 24.67 32.87
C LEU C 19 -6.11 23.76 32.75
N ALA C 20 -4.92 24.32 32.58
CA ALA C 20 -3.69 23.52 32.50
C ALA C 20 -3.48 22.68 33.79
N ASN C 21 -3.76 23.27 34.93
CA ASN C 21 -3.65 22.55 36.21
CA ASN C 21 -3.63 22.51 36.17
C ASN C 21 -4.60 21.34 36.24
N ALA C 22 -5.83 21.54 35.80
CA ALA C 22 -6.81 20.46 35.76
C ALA C 22 -6.37 19.42 34.76
N LEU C 23 -5.85 19.86 33.63
CA LEU C 23 -5.41 18.97 32.60
C LEU C 23 -4.20 18.14 33.07
N ASN C 24 -3.32 18.75 33.87
CA ASN C 24 -2.22 18.04 34.45
C ASN C 24 -2.71 16.96 35.40
N ASN C 25 -3.74 17.26 36.19
CA ASN C 25 -4.24 16.21 37.11
C ASN C 25 -4.89 15.07 36.28
N LEU C 26 -5.50 15.44 35.16
CA LEU C 26 -6.04 14.44 34.25
C LEU C 26 -4.92 13.55 33.67
N LEU C 27 -3.84 14.20 33.22
CA LEU C 27 -2.65 13.51 32.74
C LEU C 27 -2.08 12.52 33.76
N ALA C 28 -2.01 12.91 35.02
CA ALA C 28 -1.54 12.03 36.09
C ALA C 28 -2.41 10.77 36.15
N ASN C 29 -3.72 10.94 36.12
CA ASN C 29 -4.65 9.83 36.12
C ASN C 29 -4.42 8.94 34.91
N TYR C 30 -4.30 9.54 33.73
CA TYR C 30 -4.02 8.76 32.50
C TYR C 30 -2.78 7.91 32.64
N GLN C 31 -1.75 8.47 33.26
CA GLN C 31 -0.47 7.81 33.31
C GLN C 31 -0.53 6.58 34.23
N VAL C 32 -1.12 6.75 35.41
CA VAL C 32 -1.28 5.61 36.31
C VAL C 32 -2.19 4.57 35.67
N PHE C 33 -3.26 5.02 35.03
CA PHE C 33 -4.20 4.13 34.36
C PHE C 33 -3.54 3.33 33.22
N TYR C 34 -2.71 3.99 32.41
CA TYR C 34 -1.99 3.34 31.36
C TYR C 34 -1.08 2.24 31.95
N ASN C 36 -1.41 0.63 34.77
CA ASN C 36 -2.27 -0.48 35.25
C ASN C 36 -2.67 -1.35 34.06
N THR C 37 -3.02 -0.70 32.95
CA THR C 37 -3.46 -1.42 31.76
C THR C 37 -2.34 -2.26 31.12
N ARG C 38 -1.12 -1.73 31.10
CA ARG C 38 0.05 -2.53 30.73
C ARG C 38 0.16 -3.76 31.57
N GLY C 39 0.02 -3.58 32.87
CA GLY C 39 -0.02 -4.72 33.81
C GLY C 39 -1.11 -5.73 33.49
N TYR C 40 -2.28 -5.24 33.14
CA TYR C 40 -3.38 -6.15 32.79
C TYR C 40 -2.98 -6.99 31.58
N HIS C 41 -2.35 -6.34 30.61
CA HIS C 41 -1.91 -6.98 29.39
C HIS C 41 -0.86 -8.06 29.67
N TRP C 42 0.19 -7.70 30.41
CA TRP C 42 1.24 -8.66 30.74
C TRP C 42 0.77 -9.85 31.56
N ASN C 43 -0.13 -9.63 32.52
CA ASN C 43 -0.41 -10.62 33.56
C ASN C 43 -1.66 -11.47 33.40
N ILE C 44 -2.44 -11.20 32.37
CA ILE C 44 -3.64 -12.02 32.12
C ILE C 44 -3.28 -13.48 31.91
N GLN C 45 -4.09 -14.38 32.50
CA GLN C 45 -3.94 -15.83 32.38
C GLN C 45 -5.32 -16.42 32.14
N GLY C 46 -5.34 -17.67 31.71
CA GLY C 46 -6.59 -18.39 31.42
C GLY C 46 -7.03 -18.26 29.99
N LYS C 47 -8.20 -18.82 29.69
CA LYS C 47 -8.60 -19.01 28.30
C LYS C 47 -8.92 -17.71 27.58
N GLU C 48 -9.06 -16.60 28.31
CA GLU C 48 -9.20 -15.28 27.72
C GLU C 48 -7.84 -14.66 27.30
N PHE C 49 -6.76 -15.39 27.49
CA PHE C 49 -5.43 -14.86 27.24
C PHE C 49 -5.25 -14.13 25.93
N PHE C 50 -5.51 -14.78 24.82
CA PHE C 50 -5.21 -14.14 23.53
C PHE C 50 -6.13 -12.96 23.26
N GLU C 51 -7.40 -13.15 23.57
CA GLU C 51 -8.40 -12.11 23.34
C GLU C 51 -8.10 -10.87 24.14
N LEU C 52 -7.86 -11.06 25.44
CA LEU C 52 -7.59 -9.90 26.30
C LEU C 52 -6.17 -9.33 26.19
N HIS C 53 -5.17 -10.16 25.91
CA HIS C 53 -3.82 -9.68 25.68
C HIS C 53 -3.95 -8.66 24.53
N ALA C 54 -4.68 -9.02 23.47
CA ALA C 54 -4.89 -8.10 22.33
C ALA C 54 -5.72 -6.88 22.69
N LYS C 55 -6.86 -7.10 23.35
CA LYS C 55 -7.72 -6.02 23.73
C LYS C 55 -7.06 -4.99 24.67
N PHE C 56 -6.35 -5.47 25.67
CA PHE C 56 -5.65 -4.56 26.59
C PHE C 56 -4.55 -3.74 25.87
N GLU C 57 -3.86 -4.36 24.92
CA GLU C 57 -2.94 -3.63 24.07
C GLU C 57 -3.61 -2.53 23.24
N GLU C 58 -4.74 -2.83 22.61
CA GLU C 58 -5.50 -1.83 21.89
C GLU C 58 -5.83 -0.63 22.81
N ILE C 59 -6.29 -0.93 24.02
CA ILE C 59 -6.69 0.08 24.96
C ILE C 59 -5.51 0.93 25.44
N TYR C 60 -4.41 0.30 25.85
CA TYR C 60 -3.30 1.15 26.35
C TYR C 60 -2.64 1.90 25.19
N THR C 61 -2.68 1.33 23.99
CA THR C 61 -2.17 2.07 22.81
C THR C 61 -2.92 3.40 22.59
N ASP C 62 -4.23 3.33 22.71
CA ASP C 62 -5.14 4.46 22.55
C ASP C 62 -4.88 5.43 23.73
N LEU C 63 -4.69 4.91 24.95
CA LEU C 63 -4.34 5.83 26.07
C LEU C 63 -3.02 6.59 25.84
N GLN C 64 -2.08 5.93 25.23
CA GLN C 64 -0.81 6.52 25.01
C GLN C 64 -0.84 7.75 24.10
N LEU C 65 -1.67 7.63 23.10
CA LEU C 65 -1.91 8.70 22.12
C LEU C 65 -2.57 9.87 22.85
N LYS C 66 -3.46 9.56 23.77
CA LYS C 66 -4.22 10.61 24.48
C LYS C 66 -3.29 11.33 25.45
N ILE C 67 -2.40 10.57 26.06
CA ILE C 67 -1.37 11.14 26.88
C ILE C 67 -0.51 12.18 26.10
N ASP C 68 -0.06 11.80 24.89
CA ASP C 68 0.69 12.63 23.97
CA ASP C 68 0.77 12.73 24.18
C ASP C 68 -0.04 13.97 23.79
N GLU C 69 -1.31 13.81 23.40
CA GLU C 69 -2.11 15.00 23.05
C GLU C 69 -2.40 15.91 24.24
N LEU C 70 -2.60 15.29 25.40
CA LEU C 70 -2.83 16.05 26.63
C LEU C 70 -1.63 16.88 27.02
N ALA C 71 -0.45 16.27 26.96
CA ALA C 71 0.77 16.95 27.32
C ALA C 71 0.96 18.13 26.39
N GLU C 72 0.73 17.91 25.10
CA GLU C 72 0.86 18.97 24.11
C GLU C 72 -0.19 20.06 24.28
N ARG C 73 -1.37 19.70 24.71
CA ARG C 73 -2.40 20.74 25.03
C ARG C 73 -1.95 21.59 26.19
N ILE C 74 -1.35 20.99 27.21
CA ILE C 74 -0.81 21.71 28.35
C ILE C 74 0.28 22.69 27.90
N LEU C 75 1.19 22.22 27.06
CA LEU C 75 2.24 23.06 26.45
C LEU C 75 1.64 24.24 25.63
N THR C 76 0.61 23.93 24.88
CA THR C 76 -0.11 24.86 24.03
C THR C 76 -0.73 26.00 24.85
N LEU C 77 -1.13 25.70 26.10
CA LEU C 77 -1.64 26.69 27.04
C LEU C 77 -0.51 27.42 27.79
N SER C 78 0.73 27.24 27.34
CA SER C 78 1.91 27.83 27.97
C SER C 78 2.10 27.36 29.40
N ALA C 79 1.81 26.09 29.65
CA ALA C 79 2.01 25.51 30.96
C ALA C 79 2.95 24.32 30.87
N ARG C 80 3.36 23.84 32.03
CA ARG C 80 4.32 22.73 32.14
C ARG C 80 3.61 21.43 32.37
N PRO C 81 3.75 20.48 31.46
CA PRO C 81 3.14 19.17 31.67
C PRO C 81 3.94 18.36 32.68
N HIS C 83 5.85 15.37 34.04
CA HIS C 83 6.58 14.44 33.24
C HIS C 83 7.52 13.56 34.05
N SER C 84 7.04 13.16 35.24
CA SER C 84 7.76 12.21 36.08
C SER C 84 6.79 11.31 36.80
N PHE C 85 7.22 10.05 36.99
CA PHE C 85 6.42 9.09 37.79
C PHE C 85 6.15 9.63 39.17
N SER C 86 7.15 10.24 39.81
CA SER C 86 6.93 10.74 41.17
C SER C 86 5.83 11.83 41.17
N GLY C 87 5.86 12.68 40.16
CA GLY C 87 4.84 13.72 40.03
C GLY C 87 3.46 13.13 39.80
N TYR C 88 3.36 12.16 38.92
CA TYR C 88 2.06 11.53 38.65
C TYR C 88 1.50 10.84 39.87
N LEU C 89 2.36 10.11 40.62
CA LEU C 89 1.85 9.42 41.82
C LEU C 89 1.34 10.42 42.89
N LYS C 90 1.95 11.58 42.99
CA LYS C 90 1.47 12.56 43.95
C LYS C 90 0.11 13.13 43.55
N ALA C 91 -0.12 13.33 42.24
CA ALA C 91 -1.34 13.99 41.75
C ALA C 91 -2.53 13.08 41.41
N ALA C 92 -2.27 11.81 41.11
CA ALA C 92 -3.32 10.91 40.58
C ALA C 92 -4.31 10.52 41.65
N GLN C 93 -5.57 10.44 41.25
CA GLN C 93 -6.64 9.81 42.01
C GLN C 93 -6.73 8.30 41.78
N ILE C 94 -6.56 7.88 40.53
CA ILE C 94 -6.51 6.47 40.18
C ILE C 94 -5.31 5.85 40.89
N LYS C 95 -5.56 4.74 41.56
CA LYS C 95 -4.54 4.05 42.34
C LYS C 95 -3.79 3.04 41.51
N GLU C 96 -2.56 2.75 41.89
CA GLU C 96 -1.84 1.66 41.24
C GLU C 96 -2.60 0.37 41.46
N HIS C 97 -2.75 -0.42 40.41
CA HIS C 97 -3.47 -1.69 40.52
C HIS C 97 -2.54 -2.74 39.92
N THR C 98 -1.99 -3.54 40.79
CA THR C 98 -1.03 -4.57 40.41
C THR C 98 -1.58 -6.00 40.65
N ASP C 99 -0.99 -6.96 39.94
CA ASP C 99 -1.25 -8.38 40.10
C ASP C 99 -2.68 -8.78 39.80
N SER C 100 -3.23 -8.12 38.79
CA SER C 100 -4.56 -8.44 38.27
C SER C 100 -4.32 -9.44 37.12
N ILE C 101 -4.69 -10.71 37.35
CA ILE C 101 -4.40 -11.79 36.39
C ILE C 101 -5.66 -12.44 35.77
N ASP C 102 -6.81 -11.94 36.19
CA ASP C 102 -8.12 -12.47 35.85
C ASP C 102 -8.83 -11.45 34.95
N GLY C 103 -9.42 -11.92 33.86
CA GLY C 103 -10.12 -11.03 32.93
C GLY C 103 -11.15 -10.11 33.57
N ARG C 104 -12.04 -10.66 34.38
CA ARG C 104 -13.07 -9.80 35.01
C ARG C 104 -12.47 -8.70 35.91
N SER C 105 -11.46 -9.04 36.71
CA SER C 105 -10.76 -8.08 37.57
CA SER C 105 -10.86 -8.03 37.58
C SER C 105 -10.22 -6.91 36.74
N SER C 106 -9.52 -7.28 35.69
CA SER C 106 -8.84 -6.30 34.86
C SER C 106 -9.86 -5.45 34.11
N GLN C 108 -13.06 -4.89 34.90
CA GLN C 108 -13.74 -4.01 35.82
C GLN C 108 -12.83 -2.87 36.21
N GLY C 109 -11.53 -3.12 36.32
CA GLY C 109 -10.58 -2.05 36.60
C GLY C 109 -10.65 -0.96 35.54
N LEU C 110 -10.71 -1.38 34.28
CA LEU C 110 -10.83 -0.46 33.15
C LEU C 110 -12.12 0.33 33.27
N VAL C 111 -13.25 -0.31 33.56
CA VAL C 111 -14.51 0.45 33.69
C VAL C 111 -14.37 1.52 34.79
N ASP C 112 -13.79 1.10 35.90
CA ASP C 112 -13.66 1.97 37.07
C ASP C 112 -12.76 3.19 36.73
N GLY C 113 -11.65 2.94 36.05
CA GLY C 113 -10.74 4.04 35.69
C GLY C 113 -11.35 4.97 34.66
N PHE C 114 -11.95 4.43 33.60
CA PHE C 114 -12.62 5.29 32.59
C PHE C 114 -13.73 6.12 33.20
N SER C 115 -14.44 5.57 34.21
CA SER C 115 -15.45 6.35 34.90
C SER C 115 -14.89 7.60 35.56
N ILE C 116 -13.71 7.47 36.16
CA ILE C 116 -12.99 8.58 36.77
C ILE C 116 -12.56 9.58 35.68
N LEU C 117 -11.97 9.09 34.61
CA LEU C 117 -11.53 9.97 33.52
C LEU C 117 -12.68 10.73 32.93
N LEU C 118 -13.81 10.05 32.71
CA LEU C 118 -14.95 10.73 32.08
C LEU C 118 -15.44 11.87 32.95
N HIS C 119 -15.56 11.62 34.26
CA HIS C 119 -16.03 12.65 35.17
C HIS C 119 -15.10 13.85 35.16
N GLN C 120 -13.79 13.58 35.18
CA GLN C 120 -12.78 14.63 35.16
C GLN C 120 -12.81 15.42 33.87
N GLN C 121 -13.02 14.73 32.76
CA GLN C 121 -13.06 15.37 31.46
C GLN C 121 -14.29 16.26 31.28
N ARG C 122 -15.38 15.83 31.89
CA ARG C 122 -16.60 16.61 31.84
C ARG C 122 -16.45 17.90 32.62
N ASP C 123 -15.77 17.84 33.74
CA ASP C 123 -15.54 19.05 34.52
C ASP C 123 -14.66 20.02 33.74
N ILE C 124 -13.62 19.51 33.08
CA ILE C 124 -12.74 20.37 32.28
C ILE C 124 -13.50 20.95 31.10
N LEU C 125 -14.29 20.11 30.43
CA LEU C 125 -15.09 20.57 29.30
C LEU C 125 -15.95 21.77 29.75
N GLU C 126 -16.57 21.68 30.93
CA GLU C 126 -17.47 22.73 31.35
C GLU C 126 -16.73 24.04 31.59
N LEU C 127 -15.59 23.93 32.26
CA LEU C 127 -14.73 25.10 32.53
C LEU C 127 -14.23 25.72 31.23
N ALA C 128 -13.74 24.89 30.30
CA ALA C 128 -13.27 25.38 29.02
C ALA C 128 -14.38 26.09 28.26
N GLY C 129 -15.59 25.53 28.29
CA GLY C 129 -16.67 26.13 27.52
C GLY C 129 -17.04 27.46 28.10
N GLU C 130 -17.03 27.59 29.41
N GLU C 130 -17.01 27.54 29.42
CA GLU C 130 -17.49 28.85 29.99
CA GLU C 130 -17.42 28.75 30.13
C GLU C 130 -16.45 29.94 29.96
C GLU C 130 -16.47 29.91 29.93
N THR C 131 -15.21 29.61 29.64
CA THR C 131 -14.18 30.60 29.49
C THR C 131 -13.82 30.82 28.03
N GLY C 132 -14.38 30.04 27.12
CA GLY C 132 -14.16 30.28 25.69
C GLY C 132 -12.95 29.54 25.15
N ASP C 133 -12.44 28.57 25.92
CA ASP C 133 -11.27 27.77 25.42
C ASP C 133 -11.78 26.62 24.56
N GLU C 134 -12.11 26.95 23.31
CA GLU C 134 -12.65 25.96 22.39
C GLU C 134 -11.68 24.82 22.06
N GLY C 135 -10.39 25.09 21.97
CA GLY C 135 -9.47 24.00 21.68
C GLY C 135 -9.40 22.92 22.79
N THR C 136 -9.49 23.35 24.06
CA THR C 136 -9.51 22.43 25.17
C THR C 136 -10.87 21.70 25.18
N SER C 137 -11.96 22.45 24.98
CA SER C 137 -13.30 21.88 24.94
CA SER C 137 -13.30 21.86 24.92
C SER C 137 -13.35 20.76 23.87
N ALA C 138 -12.81 21.05 22.70
CA ALA C 138 -12.85 20.10 21.60
C ALA C 138 -12.11 18.82 21.93
N LEU C 139 -10.96 18.95 22.60
CA LEU C 139 -10.18 17.75 22.99
C LEU C 139 -11.00 16.92 23.94
N SER C 141 -14.17 16.84 24.32
CA SER C 141 -15.31 16.27 23.56
C SER C 141 -14.93 14.96 22.89
N ASP C 142 -13.79 14.98 22.17
CA ASP C 142 -13.29 13.75 21.53
C ASP C 142 -13.07 12.63 22.53
N TYR C 143 -12.45 12.94 23.66
CA TYR C 143 -12.13 11.91 24.64
C TYR C 143 -13.39 11.32 25.24
N ILE C 144 -14.33 12.18 25.58
CA ILE C 144 -15.57 11.75 26.20
C ILE C 144 -16.35 10.86 25.26
N ARG C 145 -16.50 11.26 24.02
CA ARG C 145 -17.34 10.46 23.11
C ARG C 145 -16.74 9.10 22.85
N GLU C 146 -15.41 9.03 22.76
CA GLU C 146 -14.73 7.77 22.51
C GLU C 146 -14.80 6.85 23.72
N GLN C 147 -14.63 7.43 24.90
CA GLN C 147 -14.60 6.63 26.12
C GLN C 147 -15.98 6.22 26.62
N GLU C 148 -17.02 6.99 26.34
CA GLU C 148 -18.36 6.53 26.60
C GLU C 148 -18.65 5.25 25.80
N LYS C 149 -18.26 5.25 24.54
CA LYS C 149 -18.47 4.07 23.69
C LYS C 149 -17.71 2.86 24.26
N LEU C 150 -16.48 3.08 24.67
CA LEU C 150 -15.62 2.03 25.21
C LEU C 150 -16.23 1.47 26.51
N VAL C 151 -16.70 2.36 27.39
CA VAL C 151 -17.31 1.92 28.66
C VAL C 151 -18.57 1.05 28.39
N TRP C 152 -19.36 1.39 27.39
CA TRP C 152 -20.48 0.53 26.93
C TRP C 152 -19.99 -0.89 26.57
N LEU C 154 -17.03 -2.45 27.33
CA LEU C 154 -16.40 -3.15 28.44
C LEU C 154 -17.46 -3.71 29.36
N ASN C 155 -18.46 -2.87 29.66
CA ASN C 155 -19.60 -3.26 30.52
CA ASN C 155 -19.53 -3.28 30.54
C ASN C 155 -20.41 -4.38 29.90
N ALA C 156 -20.57 -4.34 28.59
CA ALA C 156 -21.29 -5.38 27.87
C ALA C 156 -20.60 -6.73 28.05
N TRP C 157 -19.29 -6.73 27.96
CA TRP C 157 -18.47 -7.94 28.09
C TRP C 157 -18.68 -8.53 29.48
N LEU C 158 -18.85 -7.64 30.48
CA LEU C 158 -18.95 -8.05 31.87
C LEU C 158 -20.34 -8.57 32.30
N LYS C 159 -21.33 -8.45 31.43
CA LYS C 159 -22.72 -8.83 31.75
C LYS C 159 -22.91 -10.31 31.83
N SER D 1 -14.87 22.40 -39.34
CA SER D 1 -14.92 21.92 -40.72
C SER D 1 -14.39 22.90 -41.78
N ASN D 2 -14.44 24.24 -41.63
CA ASN D 2 -13.58 25.07 -42.55
C ASN D 2 -12.12 24.80 -42.23
N ALA D 3 -11.29 24.69 -43.27
CA ALA D 3 -9.83 24.60 -43.07
C ALA D 3 -9.35 25.86 -42.34
N ALA D 5 -5.70 27.84 -40.65
CA ALA D 5 -4.25 27.99 -40.76
C ALA D 5 -3.48 27.26 -39.64
N THR D 6 -4.08 27.31 -38.45
CA THR D 6 -3.46 26.70 -37.28
C THR D 6 -4.50 25.81 -36.66
N ASN D 7 -4.02 24.80 -35.96
CA ASN D 7 -4.91 23.86 -35.31
C ASN D 7 -5.19 24.28 -33.88
N LEU D 8 -5.97 23.45 -33.18
CA LEU D 8 -6.46 23.83 -31.88
C LEU D 8 -5.33 24.04 -30.88
N ILE D 9 -4.23 23.30 -31.02
CA ILE D 9 -3.08 23.51 -30.12
C ILE D 9 -2.15 24.64 -30.55
N GLY D 10 -2.47 25.29 -31.67
CA GLY D 10 -1.74 26.47 -32.06
C GLY D 10 -0.59 26.22 -33.01
N LEU D 11 -0.44 25.02 -33.55
CA LEU D 11 0.61 24.74 -34.50
C LEU D 11 0.06 24.86 -35.94
N ASP D 12 0.98 24.90 -36.91
CA ASP D 12 0.58 25.07 -38.31
C ASP D 12 -0.19 23.80 -38.74
N THR D 13 -1.32 23.99 -39.37
CA THR D 13 -2.21 22.85 -39.76
C THR D 13 -1.51 21.89 -40.74
N THR D 14 -0.95 22.45 -41.81
CA THR D 14 -0.27 21.64 -42.83
C THR D 14 0.88 20.82 -42.31
N GLN D 15 1.75 21.46 -41.54
CA GLN D 15 2.89 20.78 -41.00
C GLN D 15 2.44 19.72 -40.01
N SER D 16 1.40 20.01 -39.23
CA SER D 16 0.89 19.06 -38.23
C SER D 16 0.27 17.83 -38.93
N GLN D 17 -0.42 18.05 -40.07
CA GLN D 17 -1.01 16.93 -40.78
CA GLN D 17 -1.02 16.93 -40.76
C GLN D 17 0.07 16.03 -41.36
N LYS D 18 1.15 16.61 -41.87
CA LYS D 18 2.26 15.82 -42.37
CA LYS D 18 2.26 15.82 -42.37
C LYS D 18 2.86 14.96 -41.27
N LEU D 19 3.08 15.58 -40.09
CA LEU D 19 3.53 14.84 -38.93
C LEU D 19 2.56 13.75 -38.48
N ALA D 20 1.27 14.06 -38.46
CA ALA D 20 0.22 13.07 -38.16
C ALA D 20 0.23 11.90 -39.12
N ASN D 21 0.46 12.16 -40.39
CA ASN D 21 0.54 11.08 -41.34
CA ASN D 21 0.57 11.10 -41.40
C ASN D 21 1.71 10.15 -41.04
N ALA D 22 2.85 10.71 -40.68
CA ALA D 22 4.03 9.89 -40.37
C ALA D 22 3.81 9.12 -39.06
N LEU D 23 3.19 9.76 -38.09
CA LEU D 23 2.85 9.11 -36.83
C LEU D 23 1.84 7.97 -37.05
N ASN D 24 0.91 8.12 -37.99
CA ASN D 24 -0.04 7.05 -38.29
C ASN D 24 0.67 5.86 -38.92
N ASN D 25 1.65 6.10 -39.77
CA ASN D 25 2.43 4.98 -40.34
C ASN D 25 3.23 4.26 -39.21
N LEU D 26 3.75 5.05 -38.29
CA LEU D 26 4.41 4.49 -37.09
C LEU D 26 3.43 3.63 -36.27
N LEU D 27 2.25 4.17 -36.02
CA LEU D 27 1.20 3.45 -35.27
C LEU D 27 0.87 2.11 -35.93
N ALA D 28 0.78 2.11 -37.27
CA ALA D 28 0.51 0.86 -38.04
C ALA D 28 1.59 -0.16 -37.75
N ASN D 29 2.85 0.29 -37.77
CA ASN D 29 3.96 -0.62 -37.48
C ASN D 29 3.88 -1.14 -36.05
N TYR D 30 3.65 -0.24 -35.07
CA TYR D 30 3.49 -0.68 -33.67
C TYR D 30 2.43 -1.75 -33.54
N GLN D 31 1.29 -1.57 -34.20
CA GLN D 31 0.16 -2.47 -34.02
C GLN D 31 0.46 -3.89 -34.55
N VAL D 32 1.08 -3.98 -35.72
CA VAL D 32 1.47 -5.30 -36.24
C VAL D 32 2.55 -5.91 -35.36
N PHE D 33 3.48 -5.07 -34.92
CA PHE D 33 4.55 -5.53 -34.06
C PHE D 33 4.02 -6.07 -32.73
N TYR D 34 3.09 -5.33 -32.13
CA TYR D 34 2.41 -5.75 -30.92
C TYR D 34 1.75 -7.12 -31.10
N ASN D 36 2.42 -9.44 -33.35
CA ASN D 36 3.50 -10.43 -33.45
C ASN D 36 4.03 -10.82 -32.06
N THR D 37 4.25 -9.82 -31.20
CA THR D 37 4.82 -10.07 -29.89
C THR D 37 3.85 -10.84 -28.99
N ARG D 38 2.55 -10.57 -29.12
CA ARG D 38 1.53 -11.36 -28.44
C ARG D 38 1.62 -12.81 -28.85
N GLY D 39 1.77 -13.04 -30.14
CA GLY D 39 2.03 -14.36 -30.66
C GLY D 39 3.29 -15.02 -30.09
N TYR D 40 4.38 -14.28 -30.01
CA TYR D 40 5.60 -14.82 -29.43
C TYR D 40 5.31 -15.29 -28.00
N HIS D 41 4.54 -14.52 -27.23
CA HIS D 41 4.17 -14.81 -25.83
C HIS D 41 3.37 -16.11 -25.77
N TRP D 42 2.37 -16.20 -26.62
CA TRP D 42 1.47 -17.34 -26.59
C TRP D 42 2.16 -18.62 -27.05
N ASN D 43 3.02 -18.50 -28.06
CA ASN D 43 3.51 -19.69 -28.78
C ASN D 43 4.90 -20.26 -28.38
N ILE D 44 5.59 -19.56 -27.49
CA ILE D 44 6.89 -20.04 -27.02
C ILE D 44 6.76 -21.46 -26.44
N GLN D 45 7.77 -22.29 -26.74
CA GLN D 45 7.88 -23.59 -26.13
C GLN D 45 9.32 -23.93 -25.86
N GLY D 46 9.51 -24.96 -25.06
CA GLY D 46 10.83 -25.41 -24.61
C GLY D 46 11.25 -24.74 -23.32
N LYS D 47 12.51 -24.91 -22.94
CA LYS D 47 12.93 -24.56 -21.58
C LYS D 47 12.97 -23.06 -21.32
N GLU D 48 12.85 -22.26 -22.37
CA GLU D 48 12.75 -20.81 -22.21
CA GLU D 48 12.73 -20.80 -22.30
C GLU D 48 11.32 -20.36 -21.91
N PHE D 49 10.39 -21.31 -21.78
CA PHE D 49 9.00 -20.95 -21.69
C PHE D 49 8.66 -19.95 -20.59
N PHE D 50 9.00 -20.23 -19.35
CA PHE D 50 8.61 -19.31 -18.28
C PHE D 50 9.28 -17.97 -18.41
N GLU D 51 10.57 -17.97 -18.71
CA GLU D 51 11.32 -16.72 -18.77
C GLU D 51 10.82 -15.81 -19.90
N LEU D 52 10.67 -16.40 -21.08
CA LEU D 52 10.21 -15.64 -22.25
C LEU D 52 8.73 -15.39 -22.32
N HIS D 53 7.89 -16.26 -21.74
CA HIS D 53 6.43 -15.98 -21.65
C HIS D 53 6.30 -14.69 -20.85
N ALA D 54 7.05 -14.56 -19.77
CA ALA D 54 7.09 -13.35 -18.98
C ALA D 54 7.72 -12.12 -19.70
N LYS D 55 8.87 -12.32 -20.34
CA LYS D 55 9.59 -11.22 -20.98
C LYS D 55 8.78 -10.65 -22.16
N PHE D 56 8.22 -11.53 -22.97
CA PHE D 56 7.34 -11.08 -24.06
C PHE D 56 6.09 -10.34 -23.57
N GLU D 57 5.50 -10.74 -22.45
CA GLU D 57 4.41 -9.98 -21.83
C GLU D 57 4.83 -8.59 -21.40
N GLU D 58 5.99 -8.49 -20.75
CA GLU D 58 6.56 -7.17 -20.42
C GLU D 58 6.68 -6.28 -21.67
N ILE D 59 7.20 -6.84 -22.74
CA ILE D 59 7.48 -6.11 -23.96
C ILE D 59 6.16 -5.66 -24.61
N TYR D 60 5.19 -6.56 -24.76
CA TYR D 60 3.96 -6.13 -25.45
C TYR D 60 3.14 -5.15 -24.57
N THR D 61 3.24 -5.27 -23.24
CA THR D 61 2.58 -4.39 -22.32
C THR D 61 3.11 -2.96 -22.52
N ASP D 62 4.44 -2.85 -22.67
CA ASP D 62 5.04 -1.55 -22.93
C ASP D 62 4.64 -1.01 -24.31
N LEU D 63 4.56 -1.88 -25.33
CA LEU D 63 4.12 -1.44 -26.65
C LEU D 63 2.71 -0.89 -26.64
N GLN D 64 1.87 -1.53 -25.85
CA GLN D 64 0.48 -1.16 -25.76
C GLN D 64 0.35 0.27 -25.22
N LEU D 65 1.16 0.59 -24.21
CA LEU D 65 1.17 1.92 -23.60
C LEU D 65 1.60 2.94 -24.68
N LYS D 66 2.62 2.62 -25.48
CA LYS D 66 3.07 3.52 -26.59
C LYS D 66 2.02 3.69 -27.69
N ILE D 67 1.26 2.64 -27.98
CA ILE D 67 0.20 2.70 -28.97
C ILE D 67 -0.87 3.74 -28.51
N ASP D 68 -1.20 3.67 -27.21
N ASP D 68 -1.25 3.72 -27.24
CA ASP D 68 -2.17 4.56 -26.55
CA ASP D 68 -2.28 4.65 -26.80
C ASP D 68 -1.70 6.01 -26.78
C ASP D 68 -1.71 6.08 -26.80
N GLU D 69 -0.45 6.25 -26.40
CA GLU D 69 0.14 7.61 -26.46
CA GLU D 69 0.14 7.61 -26.40
C GLU D 69 0.29 8.12 -27.86
N LEU D 70 0.63 7.22 -28.79
CA LEU D 70 0.75 7.64 -30.17
C LEU D 70 -0.55 8.05 -30.74
N ALA D 71 -1.61 7.25 -30.51
CA ALA D 71 -2.91 7.59 -31.03
C ALA D 71 -3.37 8.94 -30.48
N GLU D 72 -3.15 9.14 -29.21
CA GLU D 72 -3.49 10.43 -28.57
C GLU D 72 -2.67 11.59 -29.05
N ARG D 73 -1.40 11.38 -29.42
CA ARG D 73 -0.63 12.45 -30.05
C ARG D 73 -1.23 12.85 -31.39
N ILE D 74 -1.70 11.87 -32.16
CA ILE D 74 -2.28 12.11 -33.47
C ILE D 74 -3.55 12.92 -33.27
N LEU D 75 -4.37 12.53 -32.31
CA LEU D 75 -5.57 13.30 -31.95
C LEU D 75 -5.25 14.76 -31.49
N THR D 76 -4.17 14.91 -30.73
CA THR D 76 -3.70 16.18 -30.22
C THR D 76 -3.30 17.14 -31.36
N LEU D 77 -2.85 16.57 -32.47
CA LEU D 77 -2.50 17.31 -33.69
C LEU D 77 -3.75 17.56 -34.57
N SER D 78 -4.92 17.22 -34.03
CA SER D 78 -6.21 17.37 -34.74
C SER D 78 -6.29 16.48 -35.99
N ALA D 79 -5.73 15.29 -35.87
CA ALA D 79 -5.70 14.31 -36.95
C ALA D 79 -6.41 13.04 -36.53
N ARG D 80 -6.74 12.19 -37.50
CA ARG D 80 -7.48 10.98 -37.27
C ARG D 80 -6.49 9.84 -37.12
N PRO D 81 -6.45 9.20 -35.95
CA PRO D 81 -5.60 8.03 -35.78
C PRO D 81 -6.20 6.82 -36.50
N HIS D 83 -7.43 3.25 -36.85
CA HIS D 83 -8.04 2.45 -35.79
C HIS D 83 -8.77 1.21 -36.30
N SER D 84 -8.17 0.55 -37.29
CA SER D 84 -8.72 -0.72 -37.79
C SER D 84 -7.56 -1.60 -38.22
N PHE D 85 -7.71 -2.91 -38.00
CA PHE D 85 -6.74 -3.89 -38.49
C PHE D 85 -6.51 -3.72 -39.99
N SER D 86 -7.58 -3.53 -40.76
CA SER D 86 -7.36 -3.45 -42.20
C SER D 86 -6.54 -2.23 -42.59
N GLY D 87 -6.77 -1.14 -41.90
CA GLY D 87 -5.95 0.06 -42.11
C GLY D 87 -4.51 -0.17 -41.74
N TYR D 88 -4.27 -0.82 -40.61
CA TYR D 88 -2.88 -1.04 -40.19
C TYR D 88 -2.15 -1.95 -41.16
N LEU D 89 -2.81 -2.98 -41.65
CA LEU D 89 -2.18 -3.94 -42.55
C LEU D 89 -1.86 -3.25 -43.86
N LYS D 90 -2.66 -2.29 -44.26
CA LYS D 90 -2.32 -1.58 -45.49
C LYS D 90 -1.10 -0.69 -45.34
N ALA D 91 -0.94 -0.08 -44.19
CA ALA D 91 0.07 0.94 -44.00
C ALA D 91 1.38 0.41 -43.44
N ALA D 92 1.36 -0.72 -42.72
CA ALA D 92 2.55 -1.20 -41.98
C ALA D 92 3.62 -1.68 -42.90
N GLN D 93 4.89 -1.41 -42.53
CA GLN D 93 6.06 -2.01 -43.17
C GLN D 93 6.42 -3.30 -42.48
N ILE D 94 6.24 -3.35 -41.15
CA ILE D 94 6.50 -4.56 -40.39
C ILE D 94 5.47 -5.59 -40.83
N LYS D 95 5.95 -6.79 -41.16
CA LYS D 95 5.06 -7.86 -41.63
C LYS D 95 4.53 -8.72 -40.50
N GLU D 96 3.38 -9.36 -40.74
CA GLU D 96 2.88 -10.35 -39.78
C GLU D 96 3.85 -11.52 -39.65
N HIS D 97 4.10 -11.95 -38.42
CA HIS D 97 5.11 -12.98 -38.15
C HIS D 97 4.39 -13.94 -37.23
N THR D 98 4.00 -15.08 -37.79
CA THR D 98 3.22 -16.06 -37.10
C THR D 98 4.01 -17.36 -36.91
N ASP D 99 3.58 -18.14 -35.91
CA ASP D 99 4.14 -19.48 -35.64
C ASP D 99 5.63 -19.43 -35.33
N SER D 100 6.02 -18.39 -34.61
CA SER D 100 7.35 -18.28 -33.99
C SER D 100 7.26 -18.91 -32.60
N ILE D 101 7.87 -20.09 -32.46
CA ILE D 101 7.75 -20.88 -31.21
C ILE D 101 9.07 -21.09 -30.43
N ASP D 102 10.17 -20.52 -30.94
CA ASP D 102 11.44 -20.63 -30.26
C ASP D 102 12.00 -19.29 -29.90
N GLY D 103 12.73 -19.27 -28.78
CA GLY D 103 13.30 -18.03 -28.27
C GLY D 103 14.09 -17.23 -29.27
N ARG D 104 15.03 -17.86 -29.96
CA ARG D 104 15.88 -17.08 -30.87
C ARG D 104 15.08 -16.45 -31.99
N SER D 105 14.13 -17.18 -32.60
CA SER D 105 13.33 -16.65 -33.69
CA SER D 105 13.36 -16.60 -33.69
C SER D 105 12.54 -15.42 -33.21
N SER D 106 11.90 -15.56 -32.05
CA SER D 106 11.06 -14.52 -31.52
C SER D 106 11.87 -13.32 -31.09
N GLN D 108 14.86 -12.50 -32.17
CA GLN D 108 15.40 -11.81 -33.37
C GLN D 108 14.31 -11.01 -34.07
N GLY D 109 13.07 -11.51 -34.04
CA GLY D 109 11.95 -10.76 -34.57
C GLY D 109 11.76 -9.44 -33.86
N LEU D 110 11.94 -9.44 -32.53
CA LEU D 110 11.86 -8.19 -31.76
C LEU D 110 13.01 -7.24 -32.15
N VAL D 111 14.26 -7.72 -32.28
CA VAL D 111 15.34 -6.85 -32.67
C VAL D 111 15.01 -6.23 -34.03
N ASP D 112 14.53 -7.07 -34.95
CA ASP D 112 14.30 -6.56 -36.30
C ASP D 112 13.18 -5.51 -36.31
N GLY D 113 12.13 -5.72 -35.52
CA GLY D 113 11.00 -4.80 -35.44
C GLY D 113 11.40 -3.48 -34.80
N PHE D 114 12.09 -3.55 -33.66
CA PHE D 114 12.55 -2.36 -32.98
C PHE D 114 13.51 -1.57 -33.86
N SER D 115 14.30 -2.25 -34.68
CA SER D 115 15.19 -1.55 -35.59
C SER D 115 14.42 -0.67 -36.57
N ILE D 116 13.30 -1.18 -37.08
CA ILE D 116 12.42 -0.42 -37.98
C ILE D 116 11.80 0.75 -37.22
N LEU D 117 11.33 0.48 -36.01
CA LEU D 117 10.69 1.52 -35.19
C LEU D 117 11.65 2.65 -34.85
N LEU D 118 12.87 2.29 -34.50
CA LEU D 118 13.88 3.29 -34.18
C LEU D 118 14.15 4.20 -35.39
N HIS D 119 14.31 3.58 -36.57
CA HIS D 119 14.61 4.38 -37.76
C HIS D 119 13.48 5.36 -38.06
N GLN D 120 12.25 4.86 -37.97
CA GLN D 120 11.08 5.63 -38.24
C GLN D 120 10.92 6.77 -37.24
N GLN D 121 11.18 6.48 -35.98
CA GLN D 121 11.05 7.48 -34.94
C GLN D 121 12.10 8.58 -35.08
N ARG D 122 13.32 8.20 -35.46
CA ARG D 122 14.33 9.20 -35.71
C ARG D 122 13.92 10.12 -36.89
N ASP D 123 13.28 9.57 -37.91
CA ASP D 123 12.85 10.41 -39.04
C ASP D 123 11.77 11.39 -38.58
N ILE D 124 10.85 10.93 -37.77
CA ILE D 124 9.81 11.82 -37.26
C ILE D 124 10.39 12.86 -36.35
N LEU D 125 11.32 12.46 -35.49
CA LEU D 125 11.99 13.42 -34.60
CA LEU D 125 11.96 13.41 -34.60
C LEU D 125 12.58 14.56 -35.43
N GLU D 126 13.29 14.20 -36.51
CA GLU D 126 13.98 15.20 -37.31
C GLU D 126 12.98 16.15 -37.97
N LEU D 127 11.89 15.57 -38.52
CA LEU D 127 10.82 16.39 -39.12
C LEU D 127 10.19 17.32 -38.10
N ALA D 128 9.90 16.81 -36.92
CA ALA D 128 9.25 17.60 -35.85
C ALA D 128 10.17 18.77 -35.46
N GLY D 129 11.48 18.51 -35.41
CA GLY D 129 12.46 19.54 -35.08
C GLY D 129 12.49 20.67 -36.11
N GLU D 130 12.29 20.33 -37.37
CA GLU D 130 12.27 21.29 -38.49
C GLU D 130 11.22 22.38 -38.30
N THR D 131 10.08 22.03 -37.72
CA THR D 131 9.03 23.00 -37.55
C THR D 131 8.71 23.34 -36.11
N GLY D 132 9.49 22.85 -35.17
CA GLY D 132 9.30 23.25 -33.79
C GLY D 132 8.19 22.54 -33.06
N ASP D 133 7.80 21.36 -33.54
CA ASP D 133 6.77 20.57 -32.86
C ASP D 133 7.45 19.80 -31.71
N GLU D 134 7.65 20.52 -30.63
CA GLU D 134 8.30 19.97 -29.42
C GLU D 134 7.52 18.80 -28.78
N GLY D 135 6.21 18.89 -28.72
CA GLY D 135 5.45 17.78 -28.17
C GLY D 135 5.64 16.47 -28.92
N THR D 136 5.74 16.52 -30.24
CA THR D 136 5.97 15.31 -31.00
C THR D 136 7.42 14.85 -30.81
N SER D 137 8.34 15.81 -30.90
CA SER D 137 9.76 15.54 -30.68
CA SER D 137 9.76 15.53 -30.70
C SER D 137 10.00 14.83 -29.37
N ALA D 138 9.39 15.36 -28.30
CA ALA D 138 9.61 14.82 -26.96
C ALA D 138 9.14 13.37 -26.85
N LEU D 139 8.01 13.06 -27.51
CA LEU D 139 7.49 11.68 -27.55
C LEU D 139 8.46 10.78 -28.25
N SER D 141 11.70 11.21 -28.62
CA SER D 141 12.90 11.11 -27.77
C SER D 141 12.71 10.03 -26.71
N ASP D 142 11.55 10.04 -26.03
CA ASP D 142 11.25 9.00 -25.02
C ASP D 142 11.29 7.60 -25.65
N TYR D 143 10.62 7.44 -26.78
CA TYR D 143 10.52 6.10 -27.37
C TYR D 143 11.91 5.58 -27.84
N ILE D 144 12.68 6.46 -28.45
CA ILE D 144 14.02 6.11 -28.93
C ILE D 144 14.93 5.67 -27.78
N ARG D 145 14.98 6.47 -26.70
CA ARG D 145 15.89 6.20 -25.59
C ARG D 145 15.56 4.86 -24.92
N GLU D 146 14.28 4.55 -24.82
CA GLU D 146 13.86 3.33 -24.17
C GLU D 146 14.11 2.10 -25.05
N GLN D 147 13.88 2.26 -26.36
CA GLN D 147 14.01 1.14 -27.28
C GLN D 147 15.45 0.86 -27.64
N GLU D 148 16.32 1.87 -27.63
CA GLU D 148 17.73 1.63 -27.80
C GLU D 148 18.22 0.72 -26.65
N LYS D 149 17.83 1.03 -25.41
CA LYS D 149 18.23 0.24 -24.25
C LYS D 149 17.74 -1.20 -24.44
N LEU D 150 16.48 -1.33 -24.81
CA LEU D 150 15.92 -2.66 -25.06
C LEU D 150 16.68 -3.45 -26.10
N VAL D 151 17.01 -2.81 -27.21
CA VAL D 151 17.76 -3.48 -28.27
C VAL D 151 19.10 -3.98 -27.77
N TRP D 152 19.79 -3.19 -26.93
CA TRP D 152 21.00 -3.66 -26.33
C TRP D 152 20.75 -4.99 -25.58
N LEU D 154 18.19 -7.20 -25.76
CA LEU D 154 17.76 -8.31 -26.63
C LEU D 154 18.97 -8.89 -27.37
N ASN D 155 19.82 -8.02 -27.92
CA ASN D 155 21.03 -8.45 -28.61
CA ASN D 155 21.00 -8.47 -28.61
C ASN D 155 22.01 -9.19 -27.68
N ALA D 156 22.09 -8.76 -26.43
CA ALA D 156 22.94 -9.42 -25.44
C ALA D 156 22.48 -10.86 -25.22
N TRP D 157 21.17 -11.05 -25.09
CA TRP D 157 20.59 -12.37 -24.91
C TRP D 157 20.96 -13.27 -26.09
N LEU D 158 20.93 -12.70 -27.30
CA LEU D 158 21.19 -13.43 -28.56
C LEU D 158 22.64 -13.78 -28.82
N LYS D 159 23.58 -13.21 -28.04
CA LYS D 159 25.00 -13.51 -28.23
C LYS D 159 25.39 -14.93 -27.84
#